data_9DYB
#
_entry.id   9DYB
#
_cell.length_a   37.575
_cell.length_b   45.932
_cell.length_c   78.149
_cell.angle_alpha   90.000
_cell.angle_beta   90.000
_cell.angle_gamma   90.000
#
_symmetry.space_group_name_H-M   'P 2 21 21'
#
loop_
_entity.id
_entity.type
_entity.pdbx_description
1 polymer 'E3 ubiquitin-protein ligase CHIP'
2 polymer 'Heat shock 70 kDa protein 1A'
3 non-polymer 'CHLORIDE ION'
4 water water
#
loop_
_entity_poly.entity_id
_entity_poly.type
_entity_poly.pdbx_seq_one_letter_code
_entity_poly.pdbx_strand_id
1 'polypeptide(L)'
;GAMGSEKSPSAQELKEQGNRLFVGRKYPEAAACYGRAITRNPLVAVYYTNRALCYLKMQQHEQALADCRRALELDGQSVK
AHFFLGQCQLEMESYDEAIANLQRAYSLAKEQRLNFGDDIPSALRIAKKKRWNSIEERR
;
A
2 'polypeptide(L)' GP(TPO)IEEVD B
#
# COMPACT_ATOMS: atom_id res chain seq x y z
N SER A 8 -2.77 -26.36 -11.26
CA SER A 8 -2.24 -26.13 -9.92
C SER A 8 -1.12 -25.09 -9.96
N PRO A 9 -1.50 -23.81 -10.00
CA PRO A 9 -0.48 -22.76 -10.16
C PRO A 9 0.34 -22.56 -8.89
N SER A 10 1.61 -22.21 -9.09
CA SER A 10 2.47 -21.86 -7.98
C SER A 10 2.10 -20.49 -7.42
N ALA A 11 2.66 -20.18 -6.25
CA ALA A 11 2.45 -18.87 -5.66
C ALA A 11 2.95 -17.76 -6.59
N GLN A 12 4.12 -17.95 -7.19
CA GLN A 12 4.64 -16.95 -8.12
C GLN A 12 3.74 -16.81 -9.35
N GLU A 13 3.22 -17.92 -9.86
CA GLU A 13 2.31 -17.85 -10.99
C GLU A 13 1.03 -17.10 -10.61
N LEU A 14 0.55 -17.31 -9.39
CA LEU A 14 -0.65 -16.60 -8.97
C LEU A 14 -0.39 -15.12 -8.76
N LYS A 15 0.78 -14.76 -8.24
CA LYS A 15 1.12 -13.33 -8.15
C LYS A 15 1.17 -12.71 -9.54
N GLU A 16 1.76 -13.41 -10.51
CA GLU A 16 1.85 -12.90 -11.87
C GLU A 16 0.48 -12.76 -12.50
N GLN A 17 -0.42 -13.72 -12.25
CA GLN A 17 -1.80 -13.56 -12.73
C GLN A 17 -2.48 -12.35 -12.09
N GLY A 18 -2.30 -12.18 -10.78
CA GLY A 18 -2.85 -11.00 -10.13
C GLY A 18 -2.32 -9.72 -10.73
N ASN A 19 -1.01 -9.69 -11.04
CA ASN A 19 -0.43 -8.49 -11.63
C ASN A 19 -1.02 -8.20 -12.99
N ARG A 20 -1.27 -9.25 -13.80
CA ARG A 20 -1.91 -9.04 -15.10
C ARG A 20 -3.31 -8.48 -14.92
N LEU A 21 -4.09 -9.05 -13.98
CA LEU A 21 -5.41 -8.51 -13.70
C LEU A 21 -5.32 -7.07 -13.22
N PHE A 22 -4.28 -6.75 -12.44
CA PHE A 22 -4.09 -5.36 -12.01
C PHE A 22 -3.87 -4.45 -13.21
N VAL A 23 -3.05 -4.88 -14.18
CA VAL A 23 -2.87 -4.10 -15.40
C VAL A 23 -4.21 -3.92 -16.11
N GLY A 24 -5.05 -4.95 -16.10
CA GLY A 24 -6.38 -4.86 -16.69
C GLY A 24 -7.40 -4.09 -15.87
N ARG A 25 -6.98 -3.50 -14.74
CA ARG A 25 -7.85 -2.74 -13.85
C ARG A 25 -8.98 -3.59 -13.29
N LYS A 26 -8.72 -4.89 -13.11
CA LYS A 26 -9.67 -5.82 -12.51
C LYS A 26 -9.25 -6.03 -11.06
N TYR A 27 -9.54 -5.06 -10.22
CA TYR A 27 -8.95 -5.01 -8.89
C TYR A 27 -9.52 -6.06 -7.92
N PRO A 28 -10.84 -6.29 -7.85
CA PRO A 28 -11.31 -7.40 -7.00
C PRO A 28 -10.76 -8.75 -7.42
N GLU A 29 -10.66 -8.97 -8.73
CA GLU A 29 -10.11 -10.21 -9.23
C GLU A 29 -8.62 -10.32 -8.91
N ALA A 30 -7.87 -9.22 -9.06
CA ALA A 30 -6.44 -9.24 -8.70
C ALA A 30 -6.27 -9.52 -7.21
N ALA A 31 -7.06 -8.86 -6.38
CA ALA A 31 -6.94 -9.06 -4.93
C ALA A 31 -7.18 -10.51 -4.58
N ALA A 32 -8.20 -11.14 -5.19
CA ALA A 32 -8.46 -12.55 -4.91
C ALA A 32 -7.29 -13.42 -5.36
N CYS A 33 -6.65 -13.08 -6.50
N CYS A 33 -6.64 -13.05 -6.46
CA CYS A 33 -5.48 -13.82 -6.93
CA CYS A 33 -5.49 -13.83 -6.91
C CYS A 33 -4.37 -13.74 -5.90
C CYS A 33 -4.32 -13.71 -5.94
N TYR A 34 -4.12 -12.53 -5.36
CA TYR A 34 -3.08 -12.40 -4.34
C TYR A 34 -3.43 -13.21 -3.10
N GLY A 35 -4.72 -13.32 -2.79
CA GLY A 35 -5.13 -14.19 -1.70
C GLY A 35 -4.76 -15.64 -1.96
N ARG A 36 -4.90 -16.08 -3.21
CA ARG A 36 -4.50 -17.44 -3.55
C ARG A 36 -3.00 -17.61 -3.42
N ALA A 37 -2.25 -16.58 -3.81
CA ALA A 37 -0.79 -16.65 -3.66
C ALA A 37 -0.41 -16.75 -2.19
N ILE A 38 -1.12 -16.00 -1.33
CA ILE A 38 -0.89 -16.05 0.11
C ILE A 38 -1.17 -17.45 0.64
N THR A 39 -2.22 -18.11 0.14
CA THR A 39 -2.49 -19.48 0.55
C THR A 39 -1.31 -20.39 0.28
N ARG A 40 -0.65 -20.21 -0.87
CA ARG A 40 0.47 -21.09 -1.20
C ARG A 40 1.76 -20.70 -0.48
N ASN A 41 1.97 -19.42 -0.21
CA ASN A 41 3.13 -18.98 0.56
C ASN A 41 2.73 -17.72 1.29
N PRO A 42 2.36 -17.81 2.56
CA PRO A 42 1.90 -16.63 3.30
C PRO A 42 3.03 -15.80 3.90
N LEU A 43 4.29 -16.12 3.55
CA LEU A 43 5.44 -15.45 4.14
C LEU A 43 6.06 -14.40 3.21
N VAL A 44 5.35 -13.98 2.17
CA VAL A 44 5.88 -13.06 1.17
C VAL A 44 5.15 -11.73 1.32
N ALA A 45 5.88 -10.72 1.80
CA ALA A 45 5.25 -9.45 2.14
C ALA A 45 4.63 -8.77 0.91
N VAL A 46 5.26 -8.94 -0.27
CA VAL A 46 4.79 -8.29 -1.49
C VAL A 46 3.38 -8.74 -1.88
N TYR A 47 2.99 -9.97 -1.54
CA TYR A 47 1.61 -10.38 -1.82
C TYR A 47 0.62 -9.49 -1.07
N TYR A 48 0.96 -9.13 0.17
CA TYR A 48 0.09 -8.30 1.00
C TYR A 48 0.08 -6.85 0.57
N THR A 49 1.26 -6.28 0.23
CA THR A 49 1.22 -4.90 -0.26
C THR A 49 0.57 -4.82 -1.63
N ASN A 50 0.74 -5.84 -2.48
CA ASN A 50 0.02 -5.85 -3.74
C ASN A 50 -1.48 -5.84 -3.50
N ARG A 51 -1.95 -6.69 -2.58
CA ARG A 51 -3.39 -6.75 -2.31
C ARG A 51 -3.86 -5.45 -1.66
N ALA A 52 -3.04 -4.87 -0.78
CA ALA A 52 -3.39 -3.60 -0.15
C ALA A 52 -3.64 -2.52 -1.19
N LEU A 53 -2.80 -2.47 -2.23
CA LEU A 53 -3.01 -1.49 -3.31
C LEU A 53 -4.34 -1.75 -4.03
N CYS A 54 -4.70 -3.01 -4.25
CA CYS A 54 -6.00 -3.32 -4.84
C CYS A 54 -7.12 -2.79 -3.97
N TYR A 55 -7.05 -3.07 -2.67
CA TYR A 55 -8.08 -2.60 -1.75
C TYR A 55 -8.16 -1.07 -1.75
N LEU A 56 -7.02 -0.38 -1.83
CA LEU A 56 -7.06 1.08 -1.93
C LEU A 56 -7.82 1.51 -3.19
N LYS A 57 -7.54 0.85 -4.33
CA LYS A 57 -8.26 1.19 -5.55
C LYS A 57 -9.75 0.93 -5.42
N MET A 58 -10.11 -0.07 -4.60
CA MET A 58 -11.50 -0.45 -4.36
C MET A 58 -12.13 0.37 -3.23
N GLN A 59 -11.42 1.35 -2.67
CA GLN A 59 -11.89 2.19 -1.56
C GLN A 59 -12.16 1.36 -0.31
N GLN A 60 -11.45 0.26 -0.13
CA GLN A 60 -11.62 -0.61 1.02
C GLN A 60 -10.43 -0.41 1.96
N HIS A 61 -10.40 0.77 2.58
CA HIS A 61 -9.21 1.18 3.31
C HIS A 61 -8.97 0.32 4.55
N GLU A 62 -10.04 -0.14 5.21
CA GLU A 62 -9.87 -1.01 6.37
C GLU A 62 -9.19 -2.33 5.98
N GLN A 63 -9.60 -2.93 4.86
CA GLN A 63 -8.93 -4.13 4.38
C GLN A 63 -7.51 -3.85 3.93
N ALA A 64 -7.29 -2.68 3.31
CA ALA A 64 -5.94 -2.30 2.90
C ALA A 64 -5.03 -2.11 4.11
N LEU A 65 -5.54 -1.49 5.18
CA LEU A 65 -4.71 -1.26 6.36
C LEU A 65 -4.28 -2.58 6.99
N ALA A 66 -5.21 -3.54 7.07
CA ALA A 66 -4.89 -4.86 7.62
C ALA A 66 -3.78 -5.53 6.84
N ASP A 67 -3.79 -5.42 5.50
CA ASP A 67 -2.74 -6.04 4.70
C ASP A 67 -1.41 -5.32 4.90
N CYS A 68 -1.44 -4.00 5.07
CA CYS A 68 -0.20 -3.29 5.38
C CYS A 68 0.40 -3.79 6.68
N ARG A 69 -0.45 -4.05 7.69
CA ARG A 69 0.04 -4.58 8.95
C ARG A 69 0.63 -5.98 8.78
N ARG A 70 -0.04 -6.84 7.98
CA ARG A 70 0.53 -8.16 7.72
C ARG A 70 1.88 -8.05 7.02
N ALA A 71 2.00 -7.15 6.04
CA ALA A 71 3.27 -6.95 5.35
C ALA A 71 4.35 -6.47 6.31
N LEU A 72 4.02 -5.50 7.17
CA LEU A 72 5.03 -4.94 8.07
C LEU A 72 5.53 -5.97 9.08
N GLU A 73 4.69 -6.91 9.48
N GLU A 73 4.69 -6.93 9.47
CA GLU A 73 5.14 -8.00 10.34
CA GLU A 73 5.16 -7.99 10.36
C GLU A 73 6.20 -8.85 9.64
C GLU A 73 6.15 -8.92 9.66
N LEU A 74 6.05 -9.03 8.33
CA LEU A 74 7.00 -9.85 7.57
C LEU A 74 8.21 -9.05 7.10
N ASP A 75 8.03 -7.77 6.82
CA ASP A 75 9.10 -6.93 6.25
C ASP A 75 8.95 -5.54 6.86
N GLY A 76 9.59 -5.32 8.01
CA GLY A 76 9.50 -4.03 8.69
C GLY A 76 10.11 -2.89 7.90
N GLN A 77 10.84 -3.19 6.83
CA GLN A 77 11.51 -2.16 6.04
C GLN A 77 10.74 -1.84 4.76
N SER A 78 9.52 -2.34 4.61
CA SER A 78 8.78 -2.21 3.35
C SER A 78 8.36 -0.77 3.12
N VAL A 79 8.89 -0.17 2.06
CA VAL A 79 8.51 1.18 1.68
C VAL A 79 7.02 1.23 1.34
N LYS A 80 6.56 0.32 0.48
CA LYS A 80 5.17 0.36 0.05
C LYS A 80 4.20 0.08 1.19
N ALA A 81 4.58 -0.79 2.13
CA ALA A 81 3.68 -1.01 3.26
C ALA A 81 3.50 0.28 4.05
N HIS A 82 4.58 1.03 4.28
CA HIS A 82 4.44 2.32 4.98
C HIS A 82 3.68 3.32 4.12
N PHE A 83 3.94 3.37 2.82
CA PHE A 83 3.27 4.34 1.97
C PHE A 83 1.77 4.07 1.91
N PHE A 84 1.39 2.82 1.61
CA PHE A 84 -0.03 2.52 1.53
C PHE A 84 -0.72 2.68 2.87
N LEU A 85 -0.03 2.38 3.97
CA LEU A 85 -0.59 2.62 5.30
C LEU A 85 -0.88 4.11 5.51
N GLY A 86 0.06 4.97 5.12
CA GLY A 86 -0.20 6.41 5.20
C GLY A 86 -1.39 6.84 4.39
N GLN A 87 -1.57 6.23 3.20
CA GLN A 87 -2.73 6.57 2.39
C GLN A 87 -4.02 6.15 3.09
N CYS A 88 -4.02 4.97 3.72
CA CYS A 88 -5.17 4.55 4.50
C CYS A 88 -5.47 5.55 5.60
N GLN A 89 -4.44 5.96 6.33
CA GLN A 89 -4.65 6.85 7.47
C GLN A 89 -5.14 8.22 7.02
N LEU A 90 -4.69 8.66 5.84
CA LEU A 90 -5.20 9.90 5.28
C LEU A 90 -6.71 9.83 5.09
N GLU A 91 -7.20 8.70 4.55
CA GLU A 91 -8.65 8.56 4.36
C GLU A 91 -9.39 8.52 5.69
N MET A 92 -8.77 7.94 6.72
CA MET A 92 -9.33 7.88 8.06
C MET A 92 -9.18 9.19 8.82
N GLU A 93 -8.55 10.20 8.22
CA GLU A 93 -8.37 11.52 8.83
C GLU A 93 -7.46 11.45 10.06
N SER A 94 -6.58 10.45 10.09
CA SER A 94 -5.49 10.38 11.07
C SER A 94 -4.27 11.03 10.42
N TYR A 95 -4.28 12.36 10.41
CA TYR A 95 -3.32 13.07 9.57
C TYR A 95 -1.90 12.97 10.09
N ASP A 96 -1.71 13.11 11.41
CA ASP A 96 -0.35 13.05 11.94
C ASP A 96 0.26 11.67 11.72
N GLU A 97 -0.53 10.61 11.91
CA GLU A 97 -0.04 9.26 11.63
C GLU A 97 0.28 9.08 10.16
N ALA A 98 -0.58 9.60 9.28
CA ALA A 98 -0.38 9.43 7.85
C ALA A 98 0.91 10.12 7.42
N ILE A 99 1.15 11.34 7.91
CA ILE A 99 2.38 12.06 7.59
C ILE A 99 3.60 11.30 8.12
N ALA A 100 3.51 10.76 9.33
CA ALA A 100 4.64 9.99 9.88
C ALA A 100 4.97 8.80 9.00
N ASN A 101 3.96 8.06 8.54
CA ASN A 101 4.22 6.88 7.72
C ASN A 101 4.73 7.28 6.34
N LEU A 102 4.22 8.37 5.78
CA LEU A 102 4.74 8.85 4.50
C LEU A 102 6.19 9.31 4.62
N GLN A 103 6.54 10.01 5.71
CA GLN A 103 7.93 10.40 5.92
C GLN A 103 8.80 9.16 6.14
N ARG A 104 8.26 8.14 6.81
CA ARG A 104 9.03 6.91 7.00
C ARG A 104 9.25 6.19 5.67
N ALA A 105 8.21 6.15 4.82
CA ALA A 105 8.38 5.59 3.48
C ALA A 105 9.44 6.37 2.72
N TYR A 106 9.44 7.70 2.83
CA TYR A 106 10.45 8.49 2.13
C TYR A 106 11.85 8.13 2.62
N SER A 107 12.02 8.02 3.94
CA SER A 107 13.32 7.70 4.51
C SER A 107 13.79 6.33 4.10
N LEU A 108 12.88 5.35 4.11
CA LEU A 108 13.25 3.99 3.73
C LEU A 108 13.58 3.91 2.25
N ALA A 109 12.84 4.64 1.41
CA ALA A 109 13.12 4.64 -0.01
C ALA A 109 14.50 5.24 -0.29
N LYS A 110 14.85 6.31 0.43
CA LYS A 110 16.18 6.89 0.28
C LYS A 110 17.27 5.91 0.72
N GLU A 111 17.06 5.26 1.87
CA GLU A 111 18.00 4.27 2.38
C GLU A 111 18.18 3.11 1.41
N GLN A 112 17.10 2.69 0.74
CA GLN A 112 17.12 1.57 -0.16
C GLN A 112 17.42 1.96 -1.60
N ARG A 113 17.68 3.25 -1.86
CA ARG A 113 17.98 3.75 -3.21
C ARG A 113 16.87 3.39 -4.20
N LEU A 114 15.63 3.53 -3.75
CA LEU A 114 14.45 3.27 -4.58
C LEU A 114 14.01 4.56 -5.24
N ASN A 115 13.58 4.45 -6.49
CA ASN A 115 13.16 5.60 -7.28
C ASN A 115 11.67 5.47 -7.59
N PHE A 116 10.87 6.35 -6.98
CA PHE A 116 9.45 6.47 -7.30
C PHE A 116 9.12 7.86 -7.83
N GLY A 117 10.08 8.48 -8.51
CA GLY A 117 9.86 9.85 -8.95
C GLY A 117 9.55 10.73 -7.76
N ASP A 118 8.59 11.62 -7.94
CA ASP A 118 8.19 12.53 -6.87
C ASP A 118 6.96 12.03 -6.11
N ASP A 119 6.68 10.72 -6.19
CA ASP A 119 5.42 10.21 -5.63
C ASP A 119 5.33 10.42 -4.13
N ILE A 120 6.40 10.14 -3.39
CA ILE A 120 6.29 10.21 -1.94
C ILE A 120 6.23 11.66 -1.49
N PRO A 121 7.11 12.57 -1.96
CA PRO A 121 6.91 13.99 -1.61
C PRO A 121 5.55 14.53 -2.02
N SER A 122 5.03 14.12 -3.18
CA SER A 122 3.70 14.57 -3.60
C SER A 122 2.63 14.12 -2.62
N ALA A 123 2.73 12.88 -2.14
CA ALA A 123 1.78 12.37 -1.17
C ALA A 123 1.90 13.11 0.16
N LEU A 124 3.14 13.45 0.56
CA LEU A 124 3.33 14.24 1.77
C LEU A 124 2.67 15.60 1.64
N ARG A 125 2.83 16.24 0.49
CA ARG A 125 2.20 17.54 0.28
C ARG A 125 0.69 17.43 0.33
N ILE A 126 0.12 16.38 -0.29
CA ILE A 126 -1.32 16.15 -0.18
C ILE A 126 -1.73 15.98 1.28
N ALA A 127 -0.98 15.19 2.04
CA ALA A 127 -1.38 14.91 3.41
C ALA A 127 -1.35 16.17 4.27
N LYS A 128 -0.33 17.02 4.09
CA LYS A 128 -0.23 18.23 4.89
C LYS A 128 -1.30 19.24 4.50
N LYS A 129 -1.65 19.28 3.22
CA LYS A 129 -2.75 20.17 2.78
C LYS A 129 -4.08 19.71 3.39
N LYS A 130 -4.31 18.40 3.39
CA LYS A 130 -5.56 17.91 3.97
C LYS A 130 -5.61 18.17 5.48
N ARG A 131 -4.49 18.00 6.17
CA ARG A 131 -4.46 18.33 7.59
C ARG A 131 -4.79 19.81 7.79
N TRP A 132 -4.15 20.68 7.01
CA TRP A 132 -4.45 22.11 7.10
C TRP A 132 -5.90 22.41 6.75
N ASN A 133 -6.42 21.76 5.71
CA ASN A 133 -7.83 21.96 5.36
C ASN A 133 -8.76 21.55 6.50
N SER A 134 -8.40 20.50 7.23
CA SER A 134 -9.25 20.06 8.34
C SER A 134 -9.27 21.09 9.46
N ILE A 135 -8.17 21.82 9.66
CA ILE A 135 -8.15 22.91 10.63
C ILE A 135 -9.04 24.05 10.15
N GLU A 136 -8.95 24.39 8.86
CA GLU A 136 -9.73 25.52 8.34
C GLU A 136 -11.22 25.23 8.38
N GLU A 137 -11.61 23.96 8.21
CA GLU A 137 -13.02 23.58 8.24
C GLU A 137 -13.66 23.67 9.62
N ARG A 138 -12.88 23.94 10.66
CA ARG A 138 -13.40 23.93 12.03
C ARG A 138 -13.32 25.28 12.71
N ARG A 139 -13.12 26.35 11.94
CA ARG A 139 -13.09 27.69 12.49
C ARG A 139 -13.50 28.68 11.43
N ILE B 4 5.14 4.46 -7.61
CA ILE B 4 4.93 3.69 -6.37
C ILE B 4 3.60 2.95 -6.37
N GLU B 5 2.59 3.48 -7.06
CA GLU B 5 1.28 2.83 -7.12
C GLU B 5 1.27 1.79 -8.26
N GLU B 6 2.13 0.81 -8.08
CA GLU B 6 2.25 -0.33 -8.98
C GLU B 6 2.45 -1.58 -8.13
N VAL B 7 2.07 -2.72 -8.69
CA VAL B 7 2.27 -3.99 -8.00
C VAL B 7 3.67 -4.51 -8.26
N ASP B 8 4.17 -5.31 -7.31
CA ASP B 8 5.49 -5.91 -7.45
C ASP B 8 5.40 -7.37 -7.84
#